data_1UEH
#
_entry.id   1UEH
#
_cell.length_a   63.962
_cell.length_b   67.422
_cell.length_c   111.756
_cell.angle_alpha   90.00
_cell.angle_beta   90.00
_cell.angle_gamma   90.00
#
_symmetry.space_group_name_H-M   'P 21 21 21'
#
loop_
_entity.id
_entity.type
_entity.pdbx_description
1 polymer 'undecaprenyl pyrophosphate synthase'
2 non-polymer 'SULFATE ION'
3 non-polymer 'MAGNESIUM ION'
4 non-polymer OXTOXYNOL-10
5 non-polymer 'UNKNOWN LIGAND'
6 water water
#
_entity_poly.entity_id   1
_entity_poly.type   'polypeptide(L)'
_entity_poly.pdbx_seq_one_letter_code
;MMLSATQPLSEKLPAHGCRHVAIIMDGNGRWAKKQGKIRAFGHKAGAKSVRRAVSFAANNGIEALTLYAFSSENWNRPAQ
EVSALMELFVWALDSEVKSLHRHNVRLRIIGDTSRFNSRLQERIRKSEALTAGNTGLTLNIAANYGGRWDIVQGVRQLAE
KVQQGNLQPDQIDEEMLNQHVCMHELAPVDLVIRTGGEHRISNFLLWQIAYAELYFTDVLWPDFDEQDFEGALNAFANRE
RRFGGTEPGDETA
;
_entity_poly.pdbx_strand_id   A,B
#
loop_
_chem_comp.id
_chem_comp.type
_chem_comp.name
_chem_comp.formula
MG non-polymer 'MAGNESIUM ION' 'Mg 2'
OXN non-polymer OXTOXYNOL-10 'C34 H62 O11'
SO4 non-polymer 'SULFATE ION' 'O4 S -2'
UNL non-polymer 'UNKNOWN LIGAND' ?
#
# COMPACT_ATOMS: atom_id res chain seq x y z
N LEU A 13 -3.25 -24.15 -10.64
CA LEU A 13 -3.75 -22.74 -10.62
C LEU A 13 -5.20 -22.74 -11.10
N PRO A 14 -6.17 -22.79 -10.15
CA PRO A 14 -7.58 -22.79 -10.53
C PRO A 14 -7.92 -21.62 -11.47
N ALA A 15 -8.93 -21.82 -12.31
CA ALA A 15 -9.33 -20.82 -13.29
C ALA A 15 -9.59 -19.39 -12.81
N HIS A 16 -9.86 -19.16 -11.52
CA HIS A 16 -10.06 -17.76 -11.08
C HIS A 16 -8.71 -17.03 -10.96
N GLY A 17 -7.62 -17.79 -11.03
CA GLY A 17 -6.27 -17.22 -10.97
C GLY A 17 -5.77 -16.56 -9.68
N CYS A 18 -6.54 -16.71 -8.61
CA CYS A 18 -6.21 -16.07 -7.33
C CYS A 18 -5.51 -17.04 -6.38
N ARG A 19 -4.26 -16.73 -6.00
CA ARG A 19 -3.54 -17.62 -5.12
C ARG A 19 -3.53 -17.22 -3.66
N HIS A 20 -3.62 -15.93 -3.38
CA HIS A 20 -3.48 -15.51 -1.97
C HIS A 20 -4.40 -14.35 -1.69
N VAL A 21 -5.31 -14.57 -0.72
CA VAL A 21 -6.26 -13.56 -0.34
C VAL A 21 -5.99 -13.13 1.10
N ALA A 22 -6.13 -11.83 1.40
CA ALA A 22 -5.94 -11.33 2.76
C ALA A 22 -7.23 -10.60 3.12
N ILE A 23 -7.67 -10.70 4.37
CA ILE A 23 -8.95 -10.07 4.75
C ILE A 23 -8.89 -9.26 6.04
N ILE A 24 -9.44 -8.04 5.99
CA ILE A 24 -9.58 -7.22 7.19
C ILE A 24 -11.06 -7.45 7.54
N MET A 25 -11.30 -8.12 8.66
CA MET A 25 -12.66 -8.54 9.05
C MET A 25 -13.45 -7.63 9.97
N ASP A 26 -13.73 -6.42 9.52
CA ASP A 26 -14.43 -5.49 10.38
C ASP A 26 -15.94 -5.62 10.34
N GLY A 27 -16.56 -5.16 11.42
CA GLY A 27 -18.01 -5.13 11.48
C GLY A 27 -18.66 -6.00 12.54
N ASN A 28 -17.86 -6.79 13.26
CA ASN A 28 -18.37 -7.69 14.29
C ASN A 28 -19.18 -6.94 15.34
N GLY A 29 -18.61 -5.86 15.86
CA GLY A 29 -19.30 -5.06 16.89
C GLY A 29 -20.58 -4.42 16.44
N ARG A 30 -20.57 -3.76 15.29
CA ARG A 30 -21.77 -3.15 14.73
C ARG A 30 -22.85 -4.18 14.46
N TRP A 31 -22.42 -5.35 13.96
CA TRP A 31 -23.37 -6.40 13.63
C TRP A 31 -24.15 -6.81 14.91
N ALA A 32 -23.43 -6.95 16.01
CA ALA A 32 -24.06 -7.34 17.27
C ALA A 32 -24.95 -6.21 17.81
N LYS A 33 -24.46 -4.98 17.73
CA LYS A 33 -25.22 -3.83 18.24
C LYS A 33 -26.57 -3.69 17.54
N LYS A 34 -26.57 -3.97 16.24
CA LYS A 34 -27.77 -3.89 15.41
C LYS A 34 -28.86 -4.83 15.92
N GLN A 35 -28.46 -5.91 16.58
CA GLN A 35 -29.48 -6.78 17.11
C GLN A 35 -29.59 -6.78 18.64
N GLY A 36 -29.10 -5.70 19.25
CA GLY A 36 -29.17 -5.53 20.69
C GLY A 36 -28.31 -6.52 21.47
N LYS A 37 -27.19 -6.94 20.89
CA LYS A 37 -26.29 -7.87 21.55
C LYS A 37 -24.96 -7.23 21.85
N ILE A 38 -24.25 -7.81 22.83
CA ILE A 38 -22.93 -7.28 23.20
C ILE A 38 -21.89 -7.68 22.13
N ARG A 39 -20.78 -6.96 22.12
CA ARG A 39 -19.73 -7.17 21.13
C ARG A 39 -19.25 -8.63 21.11
N ALA A 40 -19.19 -9.27 22.27
CA ALA A 40 -18.72 -10.67 22.30
C ALA A 40 -19.53 -11.59 21.37
N PHE A 41 -20.83 -11.34 21.29
CA PHE A 41 -21.70 -12.13 20.43
C PHE A 41 -21.32 -11.93 18.94
N GLY A 42 -20.98 -10.68 18.60
CA GLY A 42 -20.57 -10.41 17.23
C GLY A 42 -19.25 -11.11 16.93
N HIS A 43 -18.34 -11.14 17.88
CA HIS A 43 -17.08 -11.83 17.66
C HIS A 43 -17.28 -13.32 17.45
N LYS A 44 -18.22 -13.91 18.18
CA LYS A 44 -18.46 -15.32 17.98
C LYS A 44 -19.05 -15.56 16.59
N ALA A 45 -19.94 -14.68 16.14
CA ALA A 45 -20.52 -14.81 14.80
C ALA A 45 -19.35 -14.58 13.77
N GLY A 46 -18.42 -13.68 14.12
CA GLY A 46 -17.28 -13.41 13.27
C GLY A 46 -16.41 -14.66 13.15
N ALA A 47 -16.29 -15.41 14.24
CA ALA A 47 -15.51 -16.64 14.22
C ALA A 47 -16.18 -17.66 13.29
N LYS A 48 -17.51 -17.69 13.29
CA LYS A 48 -18.21 -18.60 12.39
C LYS A 48 -17.95 -18.16 10.94
N SER A 49 -17.89 -16.84 10.71
CA SER A 49 -17.63 -16.34 9.36
C SER A 49 -16.17 -16.72 8.95
N VAL A 50 -15.26 -16.75 9.92
CA VAL A 50 -13.89 -17.22 9.61
C VAL A 50 -13.92 -18.71 9.17
N ARG A 51 -14.64 -19.57 9.89
CA ARG A 51 -14.70 -20.98 9.47
C ARG A 51 -15.25 -21.09 8.06
N ARG A 52 -16.31 -20.33 7.78
CA ARG A 52 -16.93 -20.36 6.45
C ARG A 52 -15.93 -19.94 5.35
N ALA A 53 -15.18 -18.87 5.61
CA ALA A 53 -14.21 -18.35 4.64
C ALA A 53 -13.04 -19.29 4.47
N VAL A 54 -12.56 -19.89 5.55
CA VAL A 54 -11.46 -20.86 5.43
C VAL A 54 -11.90 -22.04 4.58
N SER A 55 -13.10 -22.55 4.87
CA SER A 55 -13.65 -23.67 4.10
C SER A 55 -13.80 -23.29 2.61
N PHE A 56 -14.27 -22.09 2.35
CA PHE A 56 -14.46 -21.66 0.96
C PHE A 56 -13.10 -21.60 0.25
N ALA A 57 -12.12 -21.00 0.93
CA ALA A 57 -10.80 -20.86 0.33
C ALA A 57 -10.21 -22.24 0.01
N ALA A 58 -10.26 -23.13 0.98
CA ALA A 58 -9.71 -24.49 0.83
C ALA A 58 -10.39 -25.24 -0.32
N ASN A 59 -11.70 -25.14 -0.43
CA ASN A 59 -12.47 -25.84 -1.50
C ASN A 59 -12.33 -25.19 -2.87
N ASN A 60 -11.80 -23.98 -2.94
CA ASN A 60 -11.67 -23.30 -4.22
C ASN A 60 -10.22 -23.15 -4.66
N GLY A 61 -9.38 -24.03 -4.13
CA GLY A 61 -7.97 -24.03 -4.52
C GLY A 61 -7.11 -22.80 -4.22
N ILE A 62 -7.52 -21.97 -3.27
CA ILE A 62 -6.73 -20.81 -2.88
C ILE A 62 -5.53 -21.35 -2.10
N GLU A 63 -4.33 -20.82 -2.39
CA GLU A 63 -3.13 -21.31 -1.74
C GLU A 63 -2.93 -20.79 -0.32
N ALA A 64 -3.23 -19.51 -0.11
CA ALA A 64 -3.05 -18.91 1.20
C ALA A 64 -4.15 -17.91 1.50
N LEU A 65 -4.54 -17.83 2.77
CA LEU A 65 -5.58 -16.92 3.22
C LEU A 65 -4.96 -16.28 4.46
N THR A 66 -4.90 -14.94 4.49
CA THR A 66 -4.29 -14.23 5.60
C THR A 66 -5.31 -13.32 6.24
N LEU A 67 -5.58 -13.55 7.52
CA LEU A 67 -6.60 -12.82 8.26
C LEU A 67 -6.01 -11.89 9.33
N TYR A 68 -6.52 -10.67 9.40
CA TYR A 68 -5.99 -9.73 10.36
C TYR A 68 -6.70 -9.94 11.69
N ALA A 69 -6.06 -10.64 12.62
CA ALA A 69 -6.72 -10.89 13.91
C ALA A 69 -6.69 -9.62 14.76
N PHE A 70 -5.51 -9.06 14.96
CA PHE A 70 -5.45 -7.83 15.72
C PHE A 70 -4.07 -7.26 15.67
N SER A 71 -3.97 -5.93 15.77
CA SER A 71 -2.69 -5.25 15.74
C SER A 71 -2.27 -4.94 17.15
N MET A 86 -7.63 -10.97 23.36
CA MET A 86 -6.57 -12.01 23.51
C MET A 86 -7.19 -13.34 23.86
N GLU A 87 -8.32 -13.25 24.56
CA GLU A 87 -9.08 -14.41 25.00
C GLU A 87 -9.56 -15.26 23.83
N LEU A 88 -10.14 -14.61 22.84
CA LEU A 88 -10.69 -15.31 21.67
C LEU A 88 -9.61 -15.93 20.77
N PHE A 89 -8.40 -15.41 20.83
CA PHE A 89 -7.30 -15.94 20.04
C PHE A 89 -6.81 -17.18 20.75
N VAL A 90 -6.55 -17.03 22.05
CA VAL A 90 -6.11 -18.14 22.88
C VAL A 90 -7.12 -19.27 22.79
N TRP A 91 -8.40 -18.91 22.79
CA TRP A 91 -9.46 -19.90 22.71
C TRP A 91 -9.37 -20.73 21.43
N ALA A 92 -9.22 -20.03 20.31
CA ALA A 92 -9.15 -20.68 19.00
C ALA A 92 -8.07 -21.73 18.92
N LEU A 93 -6.85 -21.36 19.30
CA LEU A 93 -5.72 -22.27 19.26
C LEU A 93 -5.93 -23.56 20.02
N ASP A 94 -6.72 -23.49 21.10
CA ASP A 94 -6.99 -24.65 21.94
C ASP A 94 -8.03 -25.59 21.38
N SER A 95 -8.92 -25.07 20.55
CA SER A 95 -9.98 -25.92 20.04
C SER A 95 -10.17 -25.94 18.53
N GLU A 96 -9.53 -25.04 17.80
CA GLU A 96 -9.71 -25.06 16.35
C GLU A 96 -8.59 -25.71 15.56
N VAL A 97 -7.41 -25.84 16.17
CA VAL A 97 -6.26 -26.43 15.48
C VAL A 97 -6.51 -27.87 15.08
N LYS A 98 -7.20 -28.59 15.94
CA LYS A 98 -7.47 -29.98 15.62
C LYS A 98 -8.31 -30.01 14.35
N SER A 99 -9.25 -29.08 14.24
CA SER A 99 -10.09 -29.07 13.07
C SER A 99 -9.33 -28.64 11.81
N LEU A 100 -8.43 -27.67 11.96
CA LEU A 100 -7.67 -27.22 10.81
C LEU A 100 -6.84 -28.37 10.31
N HIS A 101 -6.26 -29.12 11.25
CA HIS A 101 -5.41 -30.25 10.92
C HIS A 101 -6.17 -31.32 10.14
N ARG A 102 -7.40 -31.65 10.55
CA ARG A 102 -8.19 -32.65 9.83
C ARG A 102 -8.59 -32.16 8.44
N HIS A 103 -8.45 -30.85 8.23
CA HIS A 103 -8.76 -30.28 6.94
C HIS A 103 -7.49 -30.01 6.11
N ASN A 104 -6.35 -30.53 6.59
CA ASN A 104 -5.08 -30.41 5.86
C ASN A 104 -4.67 -28.96 5.64
N VAL A 105 -4.95 -28.14 6.64
CA VAL A 105 -4.61 -26.72 6.58
C VAL A 105 -3.31 -26.50 7.34
N ARG A 106 -2.42 -25.72 6.74
CA ARG A 106 -1.15 -25.37 7.35
C ARG A 106 -1.34 -24.03 8.09
N LEU A 107 -1.20 -24.04 9.43
CA LEU A 107 -1.40 -22.84 10.25
C LEU A 107 -0.14 -22.07 10.56
N ARG A 108 -0.18 -20.75 10.35
CA ARG A 108 0.97 -19.91 10.67
C ARG A 108 0.51 -18.64 11.35
N ILE A 109 1.20 -18.23 12.40
CA ILE A 109 0.84 -16.99 13.07
C ILE A 109 1.91 -15.99 12.63
N ILE A 110 1.50 -14.82 12.14
CA ILE A 110 2.48 -13.82 11.76
C ILE A 110 2.20 -12.61 12.65
N GLY A 111 3.28 -11.92 13.05
CA GLY A 111 3.18 -10.79 13.95
C GLY A 111 4.19 -10.92 15.11
N ASP A 112 4.23 -9.92 15.98
CA ASP A 112 5.17 -9.88 17.12
C ASP A 112 4.67 -10.74 18.28
N THR A 113 5.06 -12.02 18.29
CA THR A 113 4.60 -12.93 19.33
C THR A 113 5.53 -12.99 20.54
N SER A 114 6.69 -12.34 20.43
CA SER A 114 7.67 -12.34 21.51
C SER A 114 7.11 -11.60 22.72
N ARG A 115 5.90 -11.05 22.58
CA ARG A 115 5.26 -10.30 23.63
C ARG A 115 4.20 -11.12 24.39
N PHE A 116 3.71 -12.19 23.76
CA PHE A 116 2.71 -13.04 24.39
C PHE A 116 3.29 -13.83 25.57
N ASN A 117 2.41 -14.25 26.48
CA ASN A 117 2.84 -15.03 27.64
C ASN A 117 3.48 -16.32 27.13
N SER A 118 4.51 -16.78 27.83
CA SER A 118 5.25 -17.99 27.46
C SER A 118 4.40 -19.21 27.13
N ARG A 119 3.19 -19.25 27.66
CA ARG A 119 2.32 -20.38 27.41
C ARG A 119 1.64 -20.27 26.05
N LEU A 120 1.21 -19.06 25.69
CA LEU A 120 0.56 -18.85 24.39
C LEU A 120 1.60 -19.08 23.32
N GLN A 121 2.83 -18.66 23.59
CA GLN A 121 3.90 -18.83 22.61
C GLN A 121 4.15 -20.31 22.35
N GLU A 122 4.07 -21.10 23.41
CA GLU A 122 4.30 -22.52 23.27
C GLU A 122 3.12 -23.14 22.52
N ARG A 123 1.89 -22.74 22.87
CA ARG A 123 0.73 -23.27 22.16
C ARG A 123 0.82 -22.92 20.69
N ILE A 124 1.25 -21.70 20.39
CA ILE A 124 1.38 -21.29 19.00
C ILE A 124 2.39 -22.20 18.30
N ARG A 125 3.55 -22.40 18.93
CA ARG A 125 4.61 -23.23 18.36
C ARG A 125 4.15 -24.67 18.09
N LYS A 126 3.38 -25.23 19.03
CA LYS A 126 2.86 -26.59 18.88
C LYS A 126 1.86 -26.70 17.74
N SER A 127 1.01 -25.69 17.61
CA SER A 127 -0.01 -25.71 16.55
C SER A 127 0.60 -25.65 15.17
N GLU A 128 1.61 -24.80 15.02
CA GLU A 128 2.32 -24.69 13.76
C GLU A 128 3.07 -26.00 13.42
N ALA A 129 3.75 -26.57 14.41
CA ALA A 129 4.51 -27.82 14.20
C ALA A 129 3.62 -28.94 13.73
N LEU A 130 2.47 -29.09 14.38
CA LEU A 130 1.51 -30.11 14.02
C LEU A 130 1.09 -30.00 12.55
N THR A 131 0.78 -28.79 12.11
CA THR A 131 0.30 -28.56 10.76
C THR A 131 1.31 -28.12 9.70
N ALA A 132 2.57 -27.93 10.09
CA ALA A 132 3.62 -27.47 9.17
C ALA A 132 3.74 -28.29 7.92
N GLY A 133 3.47 -29.57 8.03
CA GLY A 133 3.57 -30.45 6.88
C GLY A 133 2.28 -30.64 6.12
N ASN A 134 1.23 -29.89 6.47
CA ASN A 134 -0.01 -30.07 5.73
C ASN A 134 0.15 -29.43 4.36
N THR A 135 -0.54 -29.98 3.38
CA THR A 135 -0.39 -29.51 2.03
C THR A 135 -1.55 -28.78 1.39
N GLY A 136 -2.55 -28.45 2.19
CA GLY A 136 -3.68 -27.76 1.62
C GLY A 136 -3.47 -26.26 1.79
N LEU A 137 -4.55 -25.57 2.12
CA LEU A 137 -4.49 -24.13 2.32
C LEU A 137 -3.54 -23.74 3.41
N THR A 138 -2.79 -22.66 3.20
CA THR A 138 -1.96 -22.14 4.26
C THR A 138 -2.76 -20.97 4.86
N LEU A 139 -3.03 -21.04 6.15
CA LEU A 139 -3.80 -20.01 6.81
C LEU A 139 -2.89 -19.20 7.72
N ASN A 140 -2.74 -17.92 7.40
CA ASN A 140 -1.92 -17.04 8.21
C ASN A 140 -2.78 -16.16 9.09
N ILE A 141 -2.53 -16.20 10.39
CA ILE A 141 -3.31 -15.38 11.30
C ILE A 141 -2.37 -14.29 11.80
N ALA A 142 -2.72 -13.03 11.48
CA ALA A 142 -1.92 -11.88 11.88
C ALA A 142 -2.35 -11.40 13.25
N ALA A 143 -1.53 -11.73 14.26
CA ALA A 143 -1.82 -11.35 15.64
C ALA A 143 -0.68 -10.46 16.18
N ASN A 144 -1.06 -9.32 16.74
CA ASN A 144 -0.11 -8.30 17.22
C ASN A 144 0.74 -7.99 16.01
N TYR A 145 0.05 -7.77 14.90
CA TYR A 145 0.70 -7.51 13.63
C TYR A 145 0.48 -6.10 13.11
N GLY A 146 1.51 -5.54 12.48
CA GLY A 146 1.38 -4.23 11.83
C GLY A 146 2.23 -4.28 10.58
N GLY A 147 1.78 -3.67 9.48
CA GLY A 147 2.58 -3.65 8.26
C GLY A 147 3.93 -2.92 8.40
N ARG A 148 3.93 -1.81 9.10
CA ARG A 148 5.20 -1.09 9.29
C ARG A 148 6.16 -1.93 10.17
N TRP A 149 5.61 -2.53 11.21
CA TRP A 149 6.40 -3.39 12.12
C TRP A 149 7.07 -4.52 11.34
N ASP A 150 6.30 -5.10 10.40
CA ASP A 150 6.75 -6.19 9.55
C ASP A 150 7.97 -5.73 8.75
N ILE A 151 7.87 -4.56 8.14
CA ILE A 151 8.99 -4.03 7.40
C ILE A 151 10.17 -3.79 8.34
N VAL A 152 9.89 -3.18 9.47
CA VAL A 152 10.97 -2.93 10.43
C VAL A 152 11.64 -4.21 10.93
N GLN A 153 10.88 -5.28 11.17
CA GLN A 153 11.55 -6.50 11.65
C GLN A 153 12.47 -7.02 10.56
N GLY A 154 12.07 -6.87 9.30
CA GLY A 154 12.92 -7.29 8.20
C GLY A 154 14.18 -6.42 8.17
N VAL A 155 14.01 -5.11 8.36
CA VAL A 155 15.15 -4.20 8.37
C VAL A 155 16.14 -4.55 9.51
N ARG A 156 15.63 -4.83 10.70
CA ARG A 156 16.49 -5.20 11.82
C ARG A 156 17.28 -6.48 11.46
N GLN A 157 16.65 -7.44 10.79
CA GLN A 157 17.38 -8.66 10.37
C GLN A 157 18.53 -8.27 9.44
N LEU A 158 18.27 -7.37 8.50
CA LEU A 158 19.34 -6.92 7.57
C LEU A 158 20.41 -6.15 8.37
N ALA A 159 19.98 -5.35 9.35
CA ALA A 159 20.93 -4.59 10.15
C ALA A 159 21.83 -5.54 10.99
N GLU A 160 21.27 -6.64 11.46
CA GLU A 160 22.07 -7.61 12.23
C GLU A 160 23.12 -8.20 11.29
N LYS A 161 22.75 -8.50 10.04
CA LYS A 161 23.71 -9.03 9.07
C LYS A 161 24.79 -7.99 8.79
N VAL A 162 24.43 -6.70 8.73
CA VAL A 162 25.44 -5.69 8.48
C VAL A 162 26.39 -5.63 9.68
N GLN A 163 25.83 -5.72 10.89
CA GLN A 163 26.65 -5.65 12.08
C GLN A 163 27.54 -6.90 12.21
N GLN A 164 27.04 -8.05 11.76
CA GLN A 164 27.81 -9.30 11.84
C GLN A 164 28.86 -9.41 10.73
N GLY A 165 28.91 -8.40 9.87
CA GLY A 165 29.89 -8.37 8.79
C GLY A 165 29.53 -9.19 7.54
N ASN A 166 28.34 -9.75 7.50
CA ASN A 166 27.91 -10.57 6.37
C ASN A 166 27.17 -9.81 5.24
N LEU A 167 26.78 -8.56 5.50
CA LEU A 167 26.05 -7.75 4.52
C LEU A 167 26.56 -6.33 4.36
N GLN A 168 26.70 -5.88 3.12
CA GLN A 168 27.14 -4.51 2.89
C GLN A 168 25.88 -3.69 2.60
N PRO A 169 25.83 -2.44 3.12
CA PRO A 169 24.64 -1.62 2.87
C PRO A 169 24.23 -1.45 1.42
N ASP A 170 25.18 -1.26 0.51
CA ASP A 170 24.78 -1.04 -0.87
C ASP A 170 24.37 -2.29 -1.63
N GLN A 171 24.41 -3.45 -0.98
CA GLN A 171 23.95 -4.70 -1.61
C GLN A 171 22.43 -4.79 -1.35
N ILE A 172 21.92 -3.98 -0.42
CA ILE A 172 20.49 -4.06 -0.07
C ILE A 172 19.56 -3.51 -1.15
N ASP A 173 18.72 -4.37 -1.71
CA ASP A 173 17.79 -3.90 -2.70
C ASP A 173 16.38 -4.39 -2.41
N GLU A 174 15.42 -4.03 -3.26
CA GLU A 174 14.04 -4.42 -3.05
C GLU A 174 13.86 -5.91 -2.85
N GLU A 175 14.43 -6.69 -3.76
CA GLU A 175 14.30 -8.13 -3.67
C GLU A 175 14.83 -8.65 -2.36
N MET A 176 15.93 -8.09 -1.88
CA MET A 176 16.49 -8.59 -0.64
C MET A 176 15.59 -8.31 0.54
N LEU A 177 15.06 -7.09 0.62
CA LEU A 177 14.17 -6.78 1.73
C LEU A 177 12.91 -7.63 1.55
N ASN A 178 12.47 -7.84 0.33
CA ASN A 178 11.27 -8.65 0.11
C ASN A 178 11.45 -10.04 0.76
N GLN A 179 12.66 -10.57 0.65
CA GLN A 179 12.96 -11.89 1.19
C GLN A 179 13.01 -11.93 2.70
N HIS A 180 12.79 -10.80 3.36
CA HIS A 180 12.79 -10.75 4.83
C HIS A 180 11.50 -10.25 5.46
N VAL A 181 10.44 -10.01 4.66
CA VAL A 181 9.17 -9.58 5.26
C VAL A 181 8.31 -10.84 5.43
N CYS A 182 7.28 -10.75 6.26
CA CYS A 182 6.39 -11.89 6.50
C CYS A 182 5.82 -12.50 5.22
N MET A 183 5.71 -13.82 5.21
CA MET A 183 5.14 -14.57 4.09
C MET A 183 5.87 -14.48 2.77
N HIS A 184 7.15 -14.08 2.78
CA HIS A 184 7.85 -13.98 1.53
C HIS A 184 7.89 -15.27 0.73
N GLU A 185 7.88 -16.42 1.42
CA GLU A 185 7.93 -17.72 0.72
C GLU A 185 6.59 -18.18 0.09
N LEU A 186 5.51 -17.48 0.39
CA LEU A 186 4.21 -17.85 -0.20
C LEU A 186 3.95 -17.01 -1.45
N ALA A 187 2.92 -17.37 -2.22
CA ALA A 187 2.57 -16.57 -3.38
C ALA A 187 2.28 -15.15 -2.90
N PRO A 188 2.55 -14.18 -3.76
CA PRO A 188 2.30 -12.75 -3.47
C PRO A 188 0.79 -12.57 -3.21
N VAL A 189 0.42 -11.62 -2.35
CA VAL A 189 -0.99 -11.36 -2.09
C VAL A 189 -1.61 -10.79 -3.37
N ASP A 190 -2.68 -11.42 -3.82
CA ASP A 190 -3.38 -11.04 -5.03
C ASP A 190 -4.58 -10.13 -4.78
N LEU A 191 -5.20 -10.32 -3.62
CA LEU A 191 -6.47 -9.66 -3.33
C LEU A 191 -6.63 -9.39 -1.84
N VAL A 192 -6.97 -8.16 -1.50
CA VAL A 192 -7.22 -7.77 -0.12
C VAL A 192 -8.71 -7.43 -0.04
N ILE A 193 -9.40 -8.04 0.90
CA ILE A 193 -10.82 -7.76 1.09
C ILE A 193 -10.99 -7.04 2.40
N ARG A 194 -11.73 -5.94 2.42
CA ARG A 194 -12.01 -5.33 3.72
C ARG A 194 -13.52 -5.15 3.85
N THR A 195 -14.10 -5.80 4.85
CA THR A 195 -15.54 -5.67 5.09
C THR A 195 -15.78 -4.48 6.06
N GLY A 196 -17.05 -4.13 6.28
CA GLY A 196 -17.36 -3.10 7.28
C GLY A 196 -17.40 -1.66 6.79
N GLY A 197 -17.21 -1.46 5.49
CA GLY A 197 -17.36 -0.11 4.95
C GLY A 197 -16.24 0.90 4.89
N GLU A 198 -15.12 0.65 5.55
CA GLU A 198 -14.02 1.62 5.53
C GLU A 198 -13.10 1.32 4.35
N HIS A 199 -12.48 2.37 3.82
CA HIS A 199 -11.63 2.24 2.65
C HIS A 199 -10.18 2.54 2.93
N ARG A 200 -9.57 1.76 3.81
CA ARG A 200 -8.15 1.91 4.10
C ARG A 200 -7.56 0.57 4.48
N ILE A 201 -6.22 0.53 4.53
CA ILE A 201 -5.42 -0.68 4.86
C ILE A 201 -5.18 -0.81 6.37
N SER A 202 -5.26 0.33 7.04
CA SER A 202 -5.06 0.37 8.47
C SER A 202 -3.82 -0.36 8.93
N ASN A 203 -2.75 -0.15 8.21
CA ASN A 203 -1.48 -0.74 8.60
C ASN A 203 -1.53 -2.26 8.72
N PHE A 204 -2.35 -2.89 7.87
CA PHE A 204 -2.40 -4.34 7.80
C PHE A 204 -1.17 -4.54 6.91
N LEU A 205 -1.14 -5.54 6.04
CA LEU A 205 0.01 -5.75 5.14
C LEU A 205 0.20 -4.50 4.32
N LEU A 206 1.44 -4.06 4.14
CA LEU A 206 1.77 -2.85 3.37
C LEU A 206 2.72 -3.20 2.24
N TRP A 207 3.89 -3.71 2.61
CA TRP A 207 4.87 -4.06 1.59
C TRP A 207 4.29 -5.07 0.61
N GLN A 208 3.60 -6.05 1.17
CA GLN A 208 3.03 -7.16 0.40
C GLN A 208 1.90 -6.80 -0.55
N ILE A 209 1.24 -5.65 -0.34
CA ILE A 209 0.09 -5.32 -1.18
C ILE A 209 0.32 -4.32 -2.31
N ALA A 210 1.60 -4.06 -2.59
CA ALA A 210 2.00 -3.17 -3.68
C ALA A 210 1.19 -3.37 -4.95
N TYR A 211 0.95 -4.62 -5.35
CA TYR A 211 0.18 -4.85 -6.57
C TYR A 211 -1.12 -5.62 -6.41
N ALA A 212 -1.59 -5.76 -5.16
CA ALA A 212 -2.84 -6.45 -4.90
C ALA A 212 -4.11 -5.71 -5.29
N GLU A 213 -5.11 -6.45 -5.76
CA GLU A 213 -6.43 -5.85 -6.07
C GLU A 213 -7.00 -5.54 -4.67
N LEU A 214 -7.62 -4.37 -4.49
CA LEU A 214 -8.21 -3.96 -3.21
C LEU A 214 -9.71 -3.93 -3.35
N TYR A 215 -10.39 -4.74 -2.53
CA TYR A 215 -11.83 -4.92 -2.60
C TYR A 215 -12.47 -4.52 -1.28
N PHE A 216 -13.29 -3.47 -1.35
CA PHE A 216 -13.95 -2.96 -0.15
C PHE A 216 -15.44 -3.24 -0.26
N THR A 217 -16.00 -3.76 0.82
CA THR A 217 -17.44 -4.01 0.82
C THR A 217 -18.05 -3.52 2.14
N ASP A 218 -19.28 -3.02 2.06
CA ASP A 218 -19.99 -2.51 3.24
C ASP A 218 -20.53 -3.62 4.12
N VAL A 219 -20.59 -4.85 3.58
CA VAL A 219 -21.11 -5.96 4.36
C VAL A 219 -20.35 -6.10 5.68
N LEU A 220 -21.05 -6.35 6.79
CA LEU A 220 -20.33 -6.51 8.06
C LEU A 220 -19.76 -7.94 8.08
N TRP A 221 -18.61 -8.12 8.73
CA TRP A 221 -17.96 -9.45 8.69
C TRP A 221 -18.82 -10.69 9.01
N PRO A 222 -19.70 -10.62 10.05
CA PRO A 222 -20.50 -11.83 10.33
C PRO A 222 -21.43 -12.23 9.20
N ASP A 223 -21.77 -11.28 8.33
CA ASP A 223 -22.68 -11.56 7.20
C ASP A 223 -21.97 -11.89 5.89
N PHE A 224 -20.64 -11.85 5.90
CA PHE A 224 -19.85 -12.12 4.67
C PHE A 224 -19.98 -13.59 4.38
N ASP A 225 -20.67 -13.93 3.28
CA ASP A 225 -20.90 -15.33 2.94
C ASP A 225 -20.13 -15.83 1.74
N GLU A 226 -20.43 -17.05 1.31
CA GLU A 226 -19.68 -17.58 0.17
C GLU A 226 -19.85 -16.79 -1.11
N GLN A 227 -21.04 -16.21 -1.31
CA GLN A 227 -21.27 -15.43 -2.53
C GLN A 227 -20.49 -14.13 -2.44
N ASP A 228 -20.31 -13.60 -1.23
CA ASP A 228 -19.50 -12.41 -1.10
C ASP A 228 -18.06 -12.73 -1.46
N PHE A 229 -17.58 -13.91 -1.04
CA PHE A 229 -16.21 -14.31 -1.31
C PHE A 229 -16.06 -14.49 -2.82
N GLU A 230 -17.08 -15.10 -3.42
CA GLU A 230 -17.10 -15.33 -4.87
C GLU A 230 -17.04 -13.98 -5.61
N GLY A 231 -17.81 -13.01 -5.16
CA GLY A 231 -17.82 -11.69 -5.77
C GLY A 231 -16.48 -11.01 -5.71
N ALA A 232 -15.76 -11.20 -4.60
CA ALA A 232 -14.43 -10.61 -4.47
C ALA A 232 -13.48 -11.27 -5.46
N LEU A 233 -13.60 -12.58 -5.62
CA LEU A 233 -12.72 -13.28 -6.58
C LEU A 233 -13.07 -12.82 -8.00
N ASN A 234 -14.36 -12.56 -8.25
CA ASN A 234 -14.75 -12.09 -9.59
C ASN A 234 -14.21 -10.69 -9.89
N ALA A 235 -14.12 -9.85 -8.84
CA ALA A 235 -13.56 -8.51 -8.99
C ALA A 235 -12.06 -8.63 -9.34
N PHE A 236 -11.39 -9.58 -8.70
CA PHE A 236 -9.99 -9.81 -8.97
C PHE A 236 -9.83 -10.30 -10.44
N ALA A 237 -10.65 -11.26 -10.83
CA ALA A 237 -10.54 -11.82 -12.19
C ALA A 237 -10.71 -10.76 -13.26
N ASN A 238 -11.54 -9.76 -12.96
CA ASN A 238 -11.81 -8.67 -13.91
C ASN A 238 -10.84 -7.45 -13.88
N ARG A 239 -9.74 -7.56 -13.14
CA ARG A 239 -8.76 -6.49 -13.06
C ARG A 239 -8.09 -6.35 -14.44
N GLU A 240 -7.50 -5.19 -14.71
CA GLU A 240 -6.80 -4.99 -15.98
C GLU A 240 -5.41 -4.43 -15.74
N GLY B 17 -10.41 18.59 6.81
CA GLY B 17 -9.31 18.03 7.64
C GLY B 17 -8.33 17.21 6.79
N CYS B 18 -8.54 17.22 5.48
CA CYS B 18 -7.66 16.49 4.56
C CYS B 18 -6.43 17.38 4.28
N ARG B 19 -5.25 16.94 4.70
CA ARG B 19 -4.04 17.76 4.54
C ARG B 19 -3.13 17.34 3.38
N HIS B 20 -3.12 16.06 3.03
CA HIS B 20 -2.21 15.63 1.99
C HIS B 20 -2.92 14.61 1.07
N VAL B 21 -3.01 14.92 -0.23
CA VAL B 21 -3.67 14.02 -1.18
C VAL B 21 -2.64 13.49 -2.17
N ALA B 22 -2.78 12.22 -2.56
CA ALA B 22 -1.87 11.63 -3.54
C ALA B 22 -2.76 11.10 -4.64
N ILE B 23 -2.30 11.22 -5.87
CA ILE B 23 -3.09 10.79 -7.01
C ILE B 23 -2.34 9.97 -8.06
N ILE B 24 -3.00 8.89 -8.49
CA ILE B 24 -2.51 8.02 -9.58
C ILE B 24 -3.46 8.46 -10.72
N MET B 25 -2.88 9.11 -11.72
CA MET B 25 -3.60 9.75 -12.84
C MET B 25 -3.77 8.95 -14.13
N ASP B 26 -4.45 7.81 -14.04
CA ASP B 26 -4.62 6.96 -15.21
C ASP B 26 -5.80 7.37 -16.08
N GLY B 27 -5.69 7.07 -17.38
CA GLY B 27 -6.80 7.34 -18.26
C GLY B 27 -6.56 8.20 -19.48
N ASN B 28 -5.38 8.84 -19.58
CA ASN B 28 -5.08 9.70 -20.72
C ASN B 28 -5.25 8.97 -22.06
N GLY B 29 -4.68 7.78 -22.19
CA GLY B 29 -4.76 7.09 -23.49
C GLY B 29 -6.16 6.69 -23.91
N ARG B 30 -6.89 6.06 -22.99
CA ARG B 30 -8.26 5.67 -23.27
C ARG B 30 -9.11 6.89 -23.59
N TRP B 31 -8.87 7.98 -22.87
CA TRP B 31 -9.65 9.20 -23.09
C TRP B 31 -9.45 9.71 -24.54
N ALA B 32 -8.22 9.70 -25.00
CA ALA B 32 -7.89 10.17 -26.36
C ALA B 32 -8.55 9.28 -27.42
N LYS B 33 -8.42 7.96 -27.23
CA LYS B 33 -8.96 7.02 -28.21
C LYS B 33 -10.48 7.10 -28.27
N LYS B 34 -11.11 7.28 -27.12
CA LYS B 34 -12.56 7.37 -27.07
C LYS B 34 -13.02 8.59 -27.85
N GLN B 35 -12.16 9.61 -27.90
CA GLN B 35 -12.42 10.86 -28.61
C GLN B 35 -11.98 10.78 -30.09
N GLY B 36 -11.47 9.63 -30.51
CA GLY B 36 -11.01 9.49 -31.90
C GLY B 36 -9.73 10.29 -32.19
N LYS B 37 -8.91 10.48 -31.16
CA LYS B 37 -7.69 11.25 -31.24
C LYS B 37 -6.45 10.42 -30.89
N ILE B 38 -5.28 10.94 -31.22
CA ILE B 38 -4.06 10.19 -30.92
C ILE B 38 -3.65 10.41 -29.45
N ARG B 39 -2.80 9.51 -28.93
CA ARG B 39 -2.37 9.58 -27.53
C ARG B 39 -1.88 10.96 -27.06
N ALA B 40 -1.12 11.66 -27.90
CA ALA B 40 -0.60 13.00 -27.55
C ALA B 40 -1.70 13.97 -27.15
N PHE B 41 -2.87 13.82 -27.77
CA PHE B 41 -4.02 14.64 -27.47
C PHE B 41 -4.48 14.40 -26.02
N GLY B 42 -4.43 13.13 -25.61
CA GLY B 42 -4.84 12.78 -24.27
C GLY B 42 -3.79 13.28 -23.26
N HIS B 43 -2.51 13.29 -23.65
CA HIS B 43 -1.52 13.80 -22.73
C HIS B 43 -1.65 15.29 -22.48
N LYS B 44 -1.95 16.05 -23.53
CA LYS B 44 -2.16 17.48 -23.40
C LYS B 44 -3.36 17.72 -22.48
N ALA B 45 -4.43 16.95 -22.65
CA ALA B 45 -5.62 17.10 -21.83
C ALA B 45 -5.31 16.68 -20.38
N GLY B 46 -4.46 15.66 -20.24
CA GLY B 46 -4.04 15.21 -18.92
C GLY B 46 -3.26 16.33 -18.20
N ALA B 47 -2.41 17.05 -18.92
CA ALA B 47 -1.64 18.16 -18.26
C ALA B 47 -2.60 19.25 -17.83
N LYS B 48 -3.62 19.56 -18.64
CA LYS B 48 -4.59 20.57 -18.20
C LYS B 48 -5.29 20.08 -16.94
N SER B 49 -5.52 18.77 -16.84
CA SER B 49 -6.18 18.25 -15.66
C SER B 49 -5.27 18.38 -14.43
N VAL B 50 -3.95 18.25 -14.63
CA VAL B 50 -3.01 18.45 -13.54
C VAL B 50 -3.09 19.90 -13.07
N ARG B 51 -3.01 20.85 -14.00
CA ARG B 51 -3.07 22.26 -13.57
C ARG B 51 -4.36 22.54 -12.78
N ARG B 52 -5.47 22.01 -13.27
CA ARG B 52 -6.73 22.18 -12.58
C ARG B 52 -6.74 21.59 -11.17
N ALA B 53 -6.17 20.38 -11.01
CA ALA B 53 -6.16 19.72 -9.69
C ALA B 53 -5.24 20.47 -8.71
N VAL B 54 -4.12 21.00 -9.22
CA VAL B 54 -3.16 21.70 -8.36
C VAL B 54 -3.82 23.01 -7.86
N SER B 55 -4.48 23.72 -8.77
CA SER B 55 -5.15 24.98 -8.39
C SER B 55 -6.20 24.65 -7.33
N PHE B 56 -6.95 23.58 -7.57
CA PHE B 56 -8.02 23.21 -6.64
C PHE B 56 -7.49 22.86 -5.26
N ALA B 57 -6.41 22.09 -5.22
CA ALA B 57 -5.82 21.74 -3.96
C ALA B 57 -5.35 23.01 -3.23
N ALA B 58 -4.66 23.91 -3.93
CA ALA B 58 -4.15 25.13 -3.31
C ALA B 58 -5.30 26.05 -2.86
N ASN B 59 -6.33 26.16 -3.69
CA ASN B 59 -7.51 27.00 -3.39
C ASN B 59 -8.35 26.51 -2.20
N ASN B 60 -8.17 25.25 -1.84
CA ASN B 60 -8.94 24.65 -0.75
C ASN B 60 -8.15 24.18 0.48
N GLY B 61 -7.01 24.81 0.75
CA GLY B 61 -6.26 24.45 1.94
C GLY B 61 -5.61 23.09 2.07
N ILE B 62 -5.42 22.39 0.96
CA ILE B 62 -4.71 21.12 1.03
C ILE B 62 -3.23 21.58 1.17
N GLU B 63 -2.47 20.99 2.07
CA GLU B 63 -1.06 21.38 2.27
C GLU B 63 -0.09 20.71 1.29
N ALA B 64 -0.37 19.46 0.93
CA ALA B 64 0.55 18.76 0.00
C ALA B 64 -0.26 17.95 -0.98
N LEU B 65 0.23 17.91 -2.21
CA LEU B 65 -0.42 17.15 -3.28
C LEU B 65 0.71 16.38 -3.94
N THR B 66 0.56 15.04 -4.00
CA THR B 66 1.63 14.19 -4.56
C THR B 66 1.07 13.43 -5.77
N LEU B 67 1.67 13.67 -6.93
CA LEU B 67 1.23 13.09 -8.17
C LEU B 67 2.19 12.00 -8.67
N TYR B 68 1.65 10.87 -9.10
CA TYR B 68 2.53 9.81 -9.60
C TYR B 68 2.84 10.08 -11.07
N ALA B 69 4.07 10.55 -11.40
CA ALA B 69 4.39 10.80 -12.81
C ALA B 69 4.73 9.47 -13.49
N PHE B 70 5.67 8.72 -12.94
CA PHE B 70 6.02 7.39 -13.49
C PHE B 70 6.99 6.59 -12.62
N SER B 71 6.96 5.26 -12.78
CA SER B 71 7.86 4.39 -12.03
C SER B 71 9.21 4.41 -12.72
N SER B 72 10.13 3.56 -12.27
CA SER B 72 11.47 3.50 -12.86
C SER B 72 11.52 2.49 -14.02
N GLU B 73 10.36 2.03 -14.46
CA GLU B 73 10.32 1.05 -15.55
C GLU B 73 10.79 1.66 -16.84
N ASN B 74 11.53 0.91 -17.63
CA ASN B 74 12.04 1.41 -18.90
C ASN B 74 10.90 1.79 -19.83
N TRP B 75 11.17 2.78 -20.68
CA TRP B 75 10.19 3.24 -21.66
C TRP B 75 10.35 2.40 -22.92
N ASN B 76 9.24 1.99 -23.50
CA ASN B 76 9.26 1.21 -24.73
C ASN B 76 9.48 2.18 -25.88
N ARG B 77 10.63 2.85 -25.89
CA ARG B 77 10.94 3.82 -26.93
C ARG B 77 12.42 3.91 -27.27
N PRO B 78 12.71 4.44 -28.47
CA PRO B 78 14.08 4.62 -28.98
C PRO B 78 14.85 5.61 -28.10
N ALA B 79 16.17 5.43 -28.01
CA ALA B 79 17.01 6.31 -27.20
C ALA B 79 16.86 7.77 -27.60
N GLN B 80 16.65 8.01 -28.90
CA GLN B 80 16.48 9.38 -29.38
C GLN B 80 15.14 9.95 -28.95
N GLU B 81 14.13 9.09 -28.88
CA GLU B 81 12.78 9.48 -28.49
C GLU B 81 12.78 9.82 -27.01
N VAL B 82 13.61 9.10 -26.27
CA VAL B 82 13.75 9.28 -24.82
C VAL B 82 14.52 10.55 -24.50
N SER B 83 15.56 10.83 -25.28
CA SER B 83 16.38 12.02 -25.08
C SER B 83 15.52 13.23 -25.44
N ALA B 84 14.66 13.07 -26.44
CA ALA B 84 13.78 14.15 -26.86
C ALA B 84 12.76 14.43 -25.77
N LEU B 85 12.27 13.35 -25.17
CA LEU B 85 11.28 13.45 -24.12
C LEU B 85 11.84 14.16 -22.89
N MET B 86 13.07 13.83 -22.53
CA MET B 86 13.68 14.45 -21.37
C MET B 86 13.83 15.96 -21.61
N GLU B 87 14.12 16.36 -22.84
CA GLU B 87 14.27 17.80 -23.08
C GLU B 87 12.90 18.45 -23.02
N LEU B 88 11.85 17.73 -23.43
CA LEU B 88 10.50 18.31 -23.32
C LEU B 88 10.18 18.53 -21.83
N PHE B 89 10.71 17.66 -20.96
CA PHE B 89 10.49 17.81 -19.51
C PHE B 89 11.26 19.07 -19.05
N VAL B 90 12.49 19.26 -19.57
CA VAL B 90 13.26 20.45 -19.24
C VAL B 90 12.45 21.69 -19.65
N TRP B 91 11.88 21.65 -20.85
CA TRP B 91 11.08 22.78 -21.35
C TRP B 91 9.85 23.08 -20.48
N ALA B 92 9.15 22.04 -20.01
CA ALA B 92 7.94 22.28 -19.18
C ALA B 92 8.32 22.95 -17.86
N LEU B 93 9.41 22.53 -17.25
CA LEU B 93 9.86 23.14 -16.02
C LEU B 93 10.25 24.61 -16.31
N ASP B 94 10.97 24.84 -17.40
CA ASP B 94 11.39 26.21 -17.72
C ASP B 94 10.19 27.14 -17.96
N SER B 95 9.18 26.62 -18.66
CA SER B 95 7.99 27.40 -19.00
C SER B 95 7.02 27.67 -17.87
N GLU B 96 6.91 26.72 -16.93
CA GLU B 96 5.88 26.86 -15.90
C GLU B 96 6.26 27.04 -14.47
N VAL B 97 7.50 26.77 -14.11
CA VAL B 97 7.82 26.89 -12.70
C VAL B 97 7.79 28.33 -12.15
N LYS B 98 8.07 29.33 -12.97
CA LYS B 98 8.02 30.70 -12.41
C LYS B 98 6.63 31.07 -11.95
N SER B 99 5.59 30.63 -12.66
CA SER B 99 4.21 30.91 -12.24
C SER B 99 3.90 30.15 -10.92
N LEU B 100 4.30 28.89 -10.85
CA LEU B 100 4.11 28.13 -9.61
C LEU B 100 4.80 28.90 -8.46
N HIS B 101 6.00 29.43 -8.70
CA HIS B 101 6.74 30.20 -7.67
C HIS B 101 5.94 31.44 -7.25
N ARG B 102 5.35 32.17 -8.21
CA ARG B 102 4.57 33.35 -7.82
C ARG B 102 3.36 32.92 -6.99
N HIS B 103 2.84 31.74 -7.30
CA HIS B 103 1.69 31.22 -6.54
C HIS B 103 2.07 30.56 -5.22
N ASN B 104 3.31 30.75 -4.77
CA ASN B 104 3.80 30.24 -3.49
C ASN B 104 3.79 28.71 -3.35
N VAL B 105 3.91 28.02 -4.47
CA VAL B 105 3.95 26.55 -4.47
C VAL B 105 5.40 26.07 -4.32
N ARG B 106 5.62 25.07 -3.44
CA ARG B 106 6.95 24.48 -3.27
C ARG B 106 6.94 23.22 -4.13
N LEU B 107 7.80 23.17 -5.16
CA LEU B 107 7.85 22.00 -6.04
C LEU B 107 8.97 21.05 -5.60
N ARG B 108 8.66 19.76 -5.45
CA ARG B 108 9.65 18.76 -5.05
C ARG B 108 9.49 17.54 -5.92
N ILE B 109 10.59 16.95 -6.39
CA ILE B 109 10.47 15.72 -7.17
C ILE B 109 10.93 14.60 -6.20
N ILE B 110 10.17 13.52 -6.08
CA ILE B 110 10.61 12.43 -5.21
C ILE B 110 10.79 11.26 -6.15
N GLY B 111 11.80 10.43 -5.86
CA GLY B 111 12.06 9.31 -6.77
C GLY B 111 13.54 9.25 -7.14
N ASP B 112 13.91 8.28 -7.98
CA ASP B 112 15.32 8.10 -8.33
C ASP B 112 15.72 9.05 -9.48
N THR B 113 16.08 10.27 -9.13
CA THR B 113 16.44 11.23 -10.16
C THR B 113 17.80 10.97 -10.78
N SER B 114 18.60 10.10 -10.16
CA SER B 114 19.91 9.80 -10.74
C SER B 114 19.74 9.10 -12.09
N ARG B 115 18.57 8.55 -12.36
CA ARG B 115 18.36 7.87 -13.65
C ARG B 115 18.17 8.87 -14.80
N PHE B 116 17.93 10.13 -14.49
CA PHE B 116 17.73 11.15 -15.53
C PHE B 116 19.07 11.62 -16.10
N ASN B 117 19.06 12.28 -17.26
CA ASN B 117 20.34 12.79 -17.78
C ASN B 117 20.79 13.94 -16.87
N SER B 118 22.07 14.30 -16.94
CA SER B 118 22.59 15.35 -16.10
C SER B 118 21.87 16.71 -16.18
N ARG B 119 21.50 17.09 -17.40
CA ARG B 119 20.84 18.36 -17.61
C ARG B 119 19.49 18.41 -16.90
N LEU B 120 18.69 17.36 -17.08
CA LEU B 120 17.38 17.35 -16.39
C LEU B 120 17.57 17.26 -14.85
N GLN B 121 18.59 16.55 -14.37
CA GLN B 121 18.80 16.53 -12.91
C GLN B 121 19.06 17.93 -12.42
N GLU B 122 19.85 18.67 -13.18
CA GLU B 122 20.17 20.03 -12.80
C GLU B 122 18.96 20.96 -12.87
N ARG B 123 18.12 20.79 -13.88
CA ARG B 123 16.94 21.66 -13.98
C ARG B 123 15.95 21.35 -12.88
N ILE B 124 15.87 20.09 -12.47
CA ILE B 124 14.99 19.74 -11.35
C ILE B 124 15.56 20.42 -10.09
N ARG B 125 16.86 20.30 -9.89
CA ARG B 125 17.45 20.92 -8.72
C ARG B 125 17.18 22.43 -8.69
N LYS B 126 17.31 23.07 -9.84
CA LYS B 126 17.11 24.51 -9.89
C LYS B 126 15.66 24.89 -9.58
N SER B 127 14.71 24.11 -10.11
CA SER B 127 13.27 24.38 -9.89
C SER B 127 12.95 24.19 -8.42
N GLU B 128 13.57 23.16 -7.82
CA GLU B 128 13.34 22.90 -6.40
C GLU B 128 13.94 24.03 -5.59
N ALA B 129 15.18 24.39 -5.91
CA ALA B 129 15.84 25.45 -5.15
C ALA B 129 15.10 26.79 -5.27
N LEU B 130 14.51 27.06 -6.41
CA LEU B 130 13.82 28.33 -6.61
C LEU B 130 12.61 28.46 -5.68
N THR B 131 11.89 27.34 -5.52
CA THR B 131 10.63 27.32 -4.75
C THR B 131 10.72 26.77 -3.33
N ALA B 132 11.91 26.32 -2.92
CA ALA B 132 12.05 25.65 -1.61
C ALA B 132 11.59 26.48 -0.41
N GLY B 133 11.75 27.79 -0.55
CA GLY B 133 11.37 28.67 0.54
C GLY B 133 9.88 28.98 0.57
N ASN B 134 9.12 28.52 -0.42
CA ASN B 134 7.67 28.84 -0.43
C ASN B 134 6.85 28.16 0.68
N THR B 135 5.76 28.80 1.07
CA THR B 135 4.92 28.31 2.17
C THR B 135 3.50 27.92 1.83
N GLY B 136 3.20 27.83 0.53
CA GLY B 136 1.86 27.44 0.11
C GLY B 136 1.78 25.94 -0.08
N LEU B 137 1.09 25.52 -1.13
CA LEU B 137 0.96 24.08 -1.42
C LEU B 137 2.32 23.48 -1.73
N THR B 138 2.61 22.30 -1.18
CA THR B 138 3.83 21.60 -1.57
C THR B 138 3.33 20.61 -2.66
N LEU B 139 3.87 20.74 -3.86
CA LEU B 139 3.49 19.84 -4.94
C LEU B 139 4.64 18.84 -5.14
N ASN B 140 4.39 17.56 -4.86
CA ASN B 140 5.39 16.53 -5.04
C ASN B 140 5.11 15.77 -6.33
N ILE B 141 6.11 15.61 -7.19
CA ILE B 141 5.93 14.87 -8.44
C ILE B 141 6.81 13.61 -8.23
N ALA B 142 6.20 12.43 -8.22
CA ALA B 142 6.94 11.20 -7.98
C ALA B 142 7.34 10.65 -9.36
N ALA B 143 8.63 10.75 -9.69
CA ALA B 143 9.16 10.35 -11.01
C ALA B 143 10.28 9.32 -10.81
N ASN B 144 10.32 8.25 -11.61
CA ASN B 144 11.29 7.18 -11.38
C ASN B 144 11.12 6.77 -9.94
N TYR B 145 9.86 6.65 -9.53
CA TYR B 145 9.52 6.37 -8.13
C TYR B 145 8.78 5.08 -7.93
N GLY B 146 9.08 4.40 -6.81
CA GLY B 146 8.36 3.19 -6.43
C GLY B 146 8.29 3.17 -4.93
N GLY B 147 7.18 2.70 -4.35
CA GLY B 147 7.05 2.68 -2.90
C GLY B 147 8.10 1.80 -2.23
N ARG B 148 8.35 0.63 -2.82
CA ARG B 148 9.36 -0.26 -2.23
C ARG B 148 10.75 0.37 -2.35
N TRP B 149 11.06 0.93 -3.52
CA TRP B 149 12.35 1.61 -3.70
C TRP B 149 12.57 2.73 -2.65
N ASP B 150 11.50 3.48 -2.33
CA ASP B 150 11.55 4.57 -1.35
C ASP B 150 11.95 4.01 0.02
N ILE B 151 11.24 2.98 0.47
CA ILE B 151 11.57 2.34 1.73
C ILE B 151 13.03 1.82 1.70
N VAL B 152 13.44 1.20 0.60
CA VAL B 152 14.80 0.63 0.52
C VAL B 152 15.87 1.72 0.63
N GLN B 153 15.64 2.87 0.04
CA GLN B 153 16.63 3.96 0.17
C GLN B 153 16.82 4.32 1.64
N GLY B 154 15.72 4.38 2.39
CA GLY B 154 15.80 4.70 3.81
C GLY B 154 16.55 3.61 4.57
N VAL B 155 16.25 2.35 4.23
CA VAL B 155 16.89 1.22 4.86
C VAL B 155 18.40 1.26 4.61
N ARG B 156 18.80 1.56 3.38
CA ARG B 156 20.22 1.65 3.01
C ARG B 156 20.92 2.73 3.85
N GLN B 157 20.23 3.83 4.09
CA GLN B 157 20.82 4.89 4.91
C GLN B 157 21.01 4.41 6.36
N LEU B 158 20.06 3.63 6.89
CA LEU B 158 20.17 3.15 8.25
C LEU B 158 21.28 2.11 8.34
N ALA B 159 21.38 1.28 7.30
CA ALA B 159 22.39 0.22 7.25
C ALA B 159 23.80 0.82 7.26
N GLU B 160 23.98 1.97 6.62
CA GLU B 160 25.27 2.62 6.60
C GLU B 160 25.61 3.04 8.03
N LYS B 161 24.65 3.58 8.77
CA LYS B 161 24.94 4.00 10.13
C LYS B 161 25.28 2.80 11.02
N VAL B 162 24.62 1.66 10.79
CA VAL B 162 24.93 0.46 11.57
C VAL B 162 26.38 0.03 11.24
N GLN B 163 26.76 0.14 9.97
CA GLN B 163 28.11 -0.26 9.55
C GLN B 163 29.18 0.65 10.19
N GLN B 164 28.83 1.91 10.42
CA GLN B 164 29.75 2.87 11.03
C GLN B 164 29.90 2.66 12.52
N GLY B 165 28.92 2.00 13.13
CA GLY B 165 28.95 1.78 14.56
C GLY B 165 28.16 2.87 15.27
N ASN B 166 27.37 3.62 14.51
CA ASN B 166 26.55 4.72 15.04
C ASN B 166 25.09 4.32 15.32
N LEU B 167 24.75 3.05 15.11
CA LEU B 167 23.38 2.60 15.32
C LEU B 167 23.33 1.12 15.58
N GLN B 168 22.57 0.72 16.60
CA GLN B 168 22.41 -0.70 16.93
C GLN B 168 21.14 -1.21 16.27
N PRO B 169 21.18 -2.40 15.65
CA PRO B 169 20.01 -2.98 14.99
C PRO B 169 18.75 -2.83 15.84
N ASP B 170 18.84 -3.20 17.12
CA ASP B 170 17.71 -3.12 18.04
C ASP B 170 17.16 -1.71 18.30
N GLN B 171 17.88 -0.69 17.84
CA GLN B 171 17.45 0.71 18.03
C GLN B 171 16.57 1.15 16.85
N ILE B 172 16.55 0.37 15.77
CA ILE B 172 15.73 0.73 14.61
C ILE B 172 14.24 0.46 14.89
N ASP B 173 13.41 1.50 14.81
CA ASP B 173 11.99 1.28 15.02
C ASP B 173 11.20 2.02 13.95
N GLU B 174 9.87 1.93 14.02
CA GLU B 174 9.03 2.58 13.01
C GLU B 174 9.34 4.08 12.89
N GLU B 175 9.46 4.78 14.01
CA GLU B 175 9.74 6.20 13.90
C GLU B 175 11.04 6.51 13.21
N MET B 176 12.10 5.74 13.48
CA MET B 176 13.38 6.00 12.84
C MET B 176 13.29 5.77 11.33
N LEU B 177 12.70 4.65 10.92
CA LEU B 177 12.61 4.40 9.49
C LEU B 177 11.73 5.48 8.81
N ASN B 178 10.68 5.91 9.50
CA ASN B 178 9.79 6.93 8.95
C ASN B 178 10.59 8.20 8.62
N GLN B 179 11.60 8.51 9.45
CA GLN B 179 12.44 9.71 9.23
C GLN B 179 13.33 9.59 8.02
N HIS B 180 13.33 8.41 7.40
CA HIS B 180 14.19 8.19 6.25
C HIS B 180 13.41 7.77 4.99
N VAL B 181 12.09 7.95 5.01
CA VAL B 181 11.30 7.66 3.81
C VAL B 181 10.86 9.03 3.23
N CYS B 182 10.50 9.07 1.96
CA CYS B 182 10.09 10.33 1.35
C CYS B 182 8.94 11.05 2.03
N MET B 183 9.04 12.38 2.03
CA MET B 183 8.00 13.24 2.58
C MET B 183 7.74 13.16 4.09
N HIS B 184 8.69 12.65 4.87
CA HIS B 184 8.45 12.49 6.30
C HIS B 184 8.29 13.83 7.02
N GLU B 185 8.72 14.92 6.39
CA GLU B 185 8.57 16.24 7.02
C GLU B 185 7.20 16.90 6.75
N LEU B 186 6.42 16.26 5.89
CA LEU B 186 5.11 16.78 5.52
C LEU B 186 4.00 16.05 6.25
N ALA B 187 2.80 16.60 6.17
CA ALA B 187 1.64 15.98 6.79
C ALA B 187 1.52 14.57 6.20
N PRO B 188 1.08 13.60 7.01
CA PRO B 188 0.92 12.22 6.54
C PRO B 188 -0.11 12.20 5.40
N VAL B 189 0.01 11.26 4.49
CA VAL B 189 -0.97 11.18 3.40
C VAL B 189 -2.33 10.74 3.95
N ASP B 190 -3.34 11.55 3.67
CA ASP B 190 -4.70 11.31 4.15
C ASP B 190 -5.61 10.62 3.15
N LEU B 191 -5.34 10.84 1.88
CA LEU B 191 -6.22 10.36 0.83
C LEU B 191 -5.45 10.03 -0.43
N VAL B 192 -5.70 8.84 -0.98
CA VAL B 192 -5.09 8.47 -2.25
C VAL B 192 -6.24 8.33 -3.26
N ILE B 193 -6.12 9.02 -4.39
CA ILE B 193 -7.13 8.96 -5.44
C ILE B 193 -6.53 8.25 -6.65
N ARG B 194 -7.25 7.30 -7.24
CA ARG B 194 -6.76 6.67 -8.47
C ARG B 194 -7.90 6.72 -9.49
N THR B 195 -7.65 7.39 -10.60
CA THR B 195 -8.64 7.52 -11.70
C THR B 195 -8.40 6.36 -12.67
N GLY B 196 -9.30 6.14 -13.61
CA GLY B 196 -9.04 5.10 -14.58
C GLY B 196 -9.61 3.72 -14.28
N GLY B 197 -10.28 3.56 -13.14
CA GLY B 197 -10.95 2.31 -12.84
C GLY B 197 -10.29 1.13 -12.15
N GLU B 198 -8.97 1.14 -12.00
CA GLU B 198 -8.33 -0.02 -11.36
C GLU B 198 -8.26 0.20 -9.86
N HIS B 199 -8.34 -0.88 -9.09
CA HIS B 199 -8.34 -0.81 -7.61
C HIS B 199 -7.05 -1.37 -7.04
N ARG B 200 -5.94 -0.69 -7.32
CA ARG B 200 -4.60 -1.12 -6.86
C ARG B 200 -3.80 0.13 -6.61
N ILE B 201 -2.78 0.00 -5.76
CA ILE B 201 -1.84 1.06 -5.42
C ILE B 201 -0.66 1.04 -6.38
N SER B 202 -0.44 -0.12 -7.01
CA SER B 202 0.62 -0.26 -8.01
C SER B 202 2.00 0.29 -7.57
N ASN B 203 2.39 0.00 -6.34
CA ASN B 203 3.71 0.39 -5.82
C ASN B 203 3.97 1.87 -5.90
N PHE B 204 2.91 2.65 -5.70
CA PHE B 204 3.03 4.10 -5.63
C PHE B 204 3.49 4.14 -4.17
N LEU B 205 3.10 5.16 -3.41
CA LEU B 205 3.49 5.27 -2.00
C LEU B 205 2.95 4.03 -1.28
N LEU B 206 3.73 3.49 -0.33
CA LEU B 206 3.33 2.30 0.45
C LEU B 206 3.41 2.55 1.94
N TRP B 207 4.61 2.91 2.38
CA TRP B 207 4.86 3.19 3.79
C TRP B 207 3.93 4.29 4.27
N GLN B 208 3.83 5.34 3.45
CA GLN B 208 3.06 6.52 3.79
C GLN B 208 1.52 6.40 3.76
N ILE B 209 0.99 5.34 3.15
CA ILE B 209 -0.47 5.23 3.05
C ILE B 209 -1.12 4.26 4.01
N ALA B 210 -0.40 3.88 5.06
CA ALA B 210 -0.93 2.93 6.04
C ALA B 210 -2.33 3.28 6.57
N TYR B 211 -2.63 4.56 6.75
CA TYR B 211 -3.96 4.95 7.25
C TYR B 211 -4.74 5.86 6.32
N ALA B 212 -4.26 6.01 5.09
CA ALA B 212 -4.95 6.87 4.15
C ALA B 212 -6.26 6.27 3.57
N GLU B 213 -7.27 7.11 3.35
CA GLU B 213 -8.52 6.75 2.70
C GLU B 213 -8.10 6.46 1.26
N LEU B 214 -8.59 5.37 0.69
CA LEU B 214 -8.25 5.03 -0.70
C LEU B 214 -9.52 5.20 -1.51
N TYR B 215 -9.47 6.10 -2.50
CA TYR B 215 -10.62 6.42 -3.32
C TYR B 215 -10.41 6.06 -4.79
N PHE B 216 -11.19 5.11 -5.26
CA PHE B 216 -11.06 4.67 -6.65
C PHE B 216 -12.24 5.17 -7.47
N THR B 217 -11.95 5.74 -8.64
CA THR B 217 -13.02 6.24 -9.50
C THR B 217 -12.79 5.81 -10.95
N ASP B 218 -13.88 5.54 -11.67
CA ASP B 218 -13.78 5.12 -13.08
C ASP B 218 -13.56 6.30 -14.02
N VAL B 219 -13.71 7.52 -13.51
CA VAL B 219 -13.50 8.69 -14.33
C VAL B 219 -12.05 8.65 -14.87
N LEU B 220 -11.87 8.98 -16.16
CA LEU B 220 -10.50 9.00 -16.75
C LEU B 220 -9.82 10.30 -16.35
N TRP B 221 -8.51 10.28 -16.18
CA TRP B 221 -7.82 11.49 -15.71
C TRP B 221 -8.15 12.82 -16.42
N PRO B 222 -8.14 12.88 -17.75
CA PRO B 222 -8.45 14.20 -18.36
C PRO B 222 -9.84 14.78 -17.97
N ASP B 223 -10.78 13.93 -17.58
CA ASP B 223 -12.13 14.36 -17.15
C ASP B 223 -12.23 14.65 -15.66
N PHE B 224 -11.24 14.22 -14.88
CA PHE B 224 -11.29 14.41 -13.45
C PHE B 224 -11.28 15.93 -13.14
N ASP B 225 -12.35 16.43 -12.53
CA ASP B 225 -12.44 17.86 -12.30
C ASP B 225 -12.68 18.25 -10.85
N GLU B 226 -13.03 19.50 -10.61
CA GLU B 226 -13.24 19.95 -9.24
C GLU B 226 -14.35 19.20 -8.50
N GLN B 227 -15.38 18.79 -9.24
CA GLN B 227 -16.49 18.07 -8.65
C GLN B 227 -16.01 16.68 -8.25
N ASP B 228 -15.20 16.06 -9.11
CA ASP B 228 -14.67 14.74 -8.78
C ASP B 228 -13.73 14.82 -7.56
N PHE B 229 -12.91 15.87 -7.50
CA PHE B 229 -11.99 16.03 -6.41
C PHE B 229 -12.80 16.24 -5.12
N GLU B 230 -13.81 17.11 -5.17
CA GLU B 230 -14.59 17.29 -3.95
C GLU B 230 -15.24 15.97 -3.56
N GLY B 231 -15.65 15.16 -4.51
CA GLY B 231 -16.23 13.87 -4.16
C GLY B 231 -15.27 12.99 -3.36
N ALA B 232 -14.00 12.99 -3.76
CA ALA B 232 -13.00 12.24 -3.02
C ALA B 232 -12.82 12.84 -1.61
N LEU B 233 -12.82 14.18 -1.51
CA LEU B 233 -12.63 14.79 -0.20
C LEU B 233 -13.83 14.41 0.69
N ASN B 234 -15.03 14.28 0.10
CA ASN B 234 -16.21 13.88 0.88
C ASN B 234 -16.01 12.46 1.41
N ALA B 235 -15.44 11.56 0.59
CA ALA B 235 -15.20 10.19 1.08
C ALA B 235 -14.31 10.25 2.30
N PHE B 236 -13.24 11.06 2.23
CA PHE B 236 -12.33 11.18 3.35
C PHE B 236 -13.08 11.70 4.59
N ALA B 237 -13.90 12.73 4.40
CA ALA B 237 -14.64 13.35 5.52
C ALA B 237 -15.62 12.38 6.19
N ASN B 238 -16.12 11.42 5.43
CA ASN B 238 -17.08 10.44 5.96
C ASN B 238 -16.43 9.19 6.54
N ARG B 239 -15.10 9.18 6.64
CA ARG B 239 -14.41 8.03 7.19
C ARG B 239 -14.77 7.87 8.66
N GLU B 240 -14.66 6.65 9.17
CA GLU B 240 -14.94 6.36 10.57
C GLU B 240 -13.75 5.60 11.13
N ARG B 241 -12.88 6.30 11.85
CA ARG B 241 -11.71 5.66 12.45
C ARG B 241 -12.12 4.89 13.71
S SO4 C . -16.76 -3.13 14.47
O1 SO4 C . -16.50 -1.92 15.29
O2 SO4 C . -18.16 -3.11 14.07
O3 SO4 C . -16.39 -4.32 15.27
O4 SO4 C . -15.91 -3.13 13.26
S SO4 D . -8.78 2.00 11.77
O1 SO4 D . -9.46 3.13 12.41
O2 SO4 D . -7.74 2.53 10.84
O3 SO4 D . -8.12 1.16 12.80
O4 SO4 D . -9.79 1.16 11.09
MG MG E . -14.68 5.53 2.98
MG MG F . -11.03 -3.73 -9.83
S SO4 G . -4.43 4.89 -20.07
O1 SO4 G . -3.79 3.66 -20.55
O2 SO4 G . -5.76 5.09 -20.65
O3 SO4 G . -4.57 4.77 -18.60
O4 SO4 G . -3.55 6.03 -20.35
S SO4 H . -0.36 -1.62 -13.05
O1 SO4 H . -0.36 -2.23 -11.70
O2 SO4 H . -1.20 -0.40 -13.11
O3 SO4 H . -0.89 -2.60 -14.02
O4 SO4 H . 1.02 -1.26 -13.40
S SO4 I . 6.36 33.79 -16.76
O1 SO4 I . 7.19 34.65 -15.88
O2 SO4 I . 5.29 33.13 -15.98
O3 SO4 I . 7.25 32.79 -17.39
O4 SO4 I . 5.71 34.62 -17.81
C5 OXN J . 3.40 19.89 -14.63
C1 OXN J . 2.49 19.75 -15.83
C3 OXN J . 3.26 20.01 -17.17
C4 OXN J . 1.98 18.31 -15.81
C2 OXN J . 1.26 20.64 -15.90
C6 OXN J . 3.95 21.03 -13.76
C9 OXN J . 2.79 21.98 -13.35
C8 OXN J . 4.63 20.46 -12.50
C7 OXN J . 5.03 21.77 -14.55
C10 OXN J . 2.69 23.32 -13.89
C11 OXN J . 1.61 24.21 -13.50
C12 OXN J . 0.66 23.70 -12.58
C13 OXN J . 0.70 22.42 -12.03
C14 OXN J . 1.78 21.55 -12.42
O15 OXN J . -0.45 24.52 -12.13
C16 OXN J . -0.64 25.75 -12.82
C17 OXN J . -1.92 26.39 -12.28
O18 OXN J . -1.64 27.03 -11.00
C19 OXN J . -1.49 26.12 -9.92
C20 OXN J . -1.36 26.90 -8.65
O21 OXN J . -2.63 27.44 -8.38
C22 OXN J . -2.68 28.30 -7.26
C23 OXN J . -4.05 29.02 -7.27
O24 OXN J . -4.62 28.98 -8.60
C5 OXN K . 8.97 16.51 -15.29
C1 OXN K . 9.63 15.62 -14.27
C3 OXN K . 10.99 15.16 -14.76
C4 OXN K . 9.85 16.43 -12.99
C2 OXN K . 8.86 14.34 -13.87
C6 OXN K . 7.54 17.12 -15.47
C9 OXN K . 6.45 16.03 -15.40
C8 OXN K . 7.34 18.17 -14.38
C7 OXN K . 7.42 17.88 -16.82
C10 OXN K . 6.48 14.88 -16.31
C11 OXN K . 5.46 13.84 -16.26
C12 OXN K . 4.43 14.00 -15.27
C13 OXN K . 4.33 15.08 -14.37
C14 OXN K . 5.35 16.10 -14.44
O15 OXN K . 3.37 13.03 -15.16
C16 OXN K . 3.30 11.99 -16.18
C17 OXN K . 2.00 11.24 -16.01
O18 OXN K . 0.96 12.18 -16.14
C19 OXN K . -0.35 11.58 -16.32
C20 OXN K . -1.39 12.68 -16.13
O21 OXN K . -1.45 13.57 -17.25
C22 OXN K . -0.38 14.54 -17.33
C23 OXN K . 0.39 14.39 -18.64
O24 OXN K . 1.33 15.48 -18.78
C25 OXN K . 2.50 15.31 -17.97
C26 OXN K . 3.56 16.33 -18.30
O27 OXN K . 4.04 16.14 -19.61
C28 OXN K . 4.86 17.28 -20.02
C29 OXN K . 5.34 17.15 -21.46
O30 OXN K . 5.54 15.77 -21.81
N1 UNL L . -0.76 36.39 -11.82
C5 UNL L . 0.48 36.05 -12.30
C2 UNL L . -1.57 35.27 -11.89
O2 UNL L . -2.70 35.15 -11.57
N3 UNL L . -0.73 34.26 -12.34
C4 UNL L . 0.55 34.69 -12.67
O4 UNL L . 1.42 33.97 -13.00
#